data_1V3S
#
_entry.id   1V3S
#
_cell.length_a   53.577
_cell.length_b   75.509
_cell.length_c   76.913
_cell.angle_alpha   90.00
_cell.angle_beta   90.00
_cell.angle_gamma   90.00
#
_symmetry.space_group_name_H-M   'P 21 21 21'
#
loop_
_entity.id
_entity.type
_entity.pdbx_description
1 polymer 'Nitrogen regulatory protein P-II'
2 non-polymer "ADENOSINE-5'-TRIPHOSPHATE"
3 water water
#
_entity_poly.entity_id   1
_entity_poly.type   'polypeptide(L)'
_entity_poly.pdbx_seq_one_letter_code
;MKLIVAIVRPEKLNEVLKALFQAEVRGLTLSRVQGHGGETERVETYRGTTVKMELHEKVRLEIGVSEPFVKPTVEAILKA
ARTGEVGDGKIFVLPVEKVYRIRTGEEDEAAVTPVQ
;
_entity_poly.pdbx_strand_id   A,B,C
#
loop_
_chem_comp.id
_chem_comp.type
_chem_comp.name
_chem_comp.formula
ATP non-polymer ADENOSINE-5'-TRIPHOSPHATE 'C10 H16 N5 O13 P3'
#
# COMPACT_ATOMS: atom_id res chain seq x y z
N MET A 1 10.87 3.53 12.61
CA MET A 1 10.54 3.10 11.22
C MET A 1 9.07 3.38 10.93
N LYS A 2 8.82 4.08 9.83
CA LYS A 2 7.45 4.38 9.41
C LYS A 2 7.38 4.30 7.88
N LEU A 3 6.18 4.05 7.38
CA LEU A 3 5.97 4.00 5.94
C LEU A 3 4.98 5.12 5.66
N ILE A 4 5.44 6.14 4.95
CA ILE A 4 4.59 7.28 4.63
C ILE A 4 3.94 7.11 3.27
N VAL A 5 2.61 7.16 3.25
CA VAL A 5 1.84 7.03 2.04
C VAL A 5 1.18 8.38 1.75
N ALA A 6 1.57 9.02 0.65
CA ALA A 6 1.02 10.31 0.29
C ALA A 6 0.35 10.26 -1.07
N ILE A 7 -0.85 10.80 -1.16
CA ILE A 7 -1.59 10.83 -2.41
C ILE A 7 -1.68 12.30 -2.80
N VAL A 8 -1.08 12.64 -3.94
CA VAL A 8 -1.04 14.01 -4.41
C VAL A 8 -1.46 14.19 -5.86
N ARG A 9 -1.63 15.45 -6.26
CA ARG A 9 -2.00 15.78 -7.63
C ARG A 9 -0.81 15.47 -8.54
N PRO A 10 -1.07 14.90 -9.71
CA PRO A 10 0.00 14.57 -10.66
C PRO A 10 0.84 15.80 -11.04
N GLU A 11 0.17 16.95 -11.16
CA GLU A 11 0.85 18.19 -11.53
C GLU A 11 1.74 18.74 -10.43
N LYS A 12 1.67 18.12 -9.24
CA LYS A 12 2.48 18.57 -8.12
C LYS A 12 3.63 17.61 -7.81
N LEU A 13 3.65 16.48 -8.50
CA LEU A 13 4.68 15.46 -8.27
C LEU A 13 6.09 16.01 -8.34
N ASN A 14 6.45 16.66 -9.44
CA ASN A 14 7.79 17.21 -9.59
C ASN A 14 8.20 18.10 -8.42
N GLU A 15 7.31 19.00 -8.01
CA GLU A 15 7.62 19.88 -6.89
C GLU A 15 7.86 19.04 -5.64
N VAL A 16 6.96 18.10 -5.38
CA VAL A 16 7.07 17.22 -4.24
C VAL A 16 8.40 16.49 -4.23
N LEU A 17 8.74 15.86 -5.36
CA LEU A 17 9.98 15.12 -5.48
C LEU A 17 11.18 16.01 -5.20
N LYS A 18 11.12 17.26 -5.65
CA LYS A 18 12.20 18.20 -5.43
C LYS A 18 12.37 18.51 -3.95
N ALA A 19 11.25 18.74 -3.27
CA ALA A 19 11.27 19.04 -1.84
C ALA A 19 11.79 17.87 -1.03
N LEU A 20 11.42 16.65 -1.45
CA LEU A 20 11.88 15.46 -0.74
C LEU A 20 13.39 15.32 -0.93
N PHE A 21 13.85 15.50 -2.16
CA PHE A 21 15.26 15.39 -2.47
C PHE A 21 16.08 16.38 -1.65
N GLN A 22 15.58 17.61 -1.56
CA GLN A 22 16.26 18.64 -0.79
C GLN A 22 16.32 18.28 0.69
N ALA A 23 15.26 17.63 1.18
CA ALA A 23 15.21 17.24 2.58
C ALA A 23 15.99 15.95 2.84
N GLU A 24 16.78 15.56 1.85
CA GLU A 24 17.62 14.37 1.94
C GLU A 24 16.83 13.06 1.95
N VAL A 25 15.62 13.09 1.40
CA VAL A 25 14.79 11.90 1.31
C VAL A 25 14.82 11.43 -0.13
N ARG A 26 15.63 10.42 -0.41
CA ARG A 26 15.77 9.93 -1.78
C ARG A 26 15.06 8.61 -2.05
N GLY A 27 14.97 7.75 -1.05
CA GLY A 27 14.32 6.47 -1.22
C GLY A 27 12.80 6.58 -1.28
N LEU A 28 12.21 6.13 -2.38
CA LEU A 28 10.75 6.20 -2.52
C LEU A 28 10.22 5.38 -3.69
N THR A 29 8.94 5.06 -3.63
CA THR A 29 8.27 4.29 -4.67
C THR A 29 6.97 5.00 -5.00
N LEU A 30 6.59 5.00 -6.26
CA LEU A 30 5.34 5.66 -6.63
C LEU A 30 4.59 4.97 -7.75
N SER A 31 3.31 5.27 -7.84
CA SER A 31 2.45 4.71 -8.87
C SER A 31 1.25 5.62 -9.10
N ARG A 32 0.54 5.41 -10.20
CA ARG A 32 -0.63 6.20 -10.54
C ARG A 32 -1.85 5.48 -10.00
N VAL A 33 -2.78 6.24 -9.41
CA VAL A 33 -3.98 5.67 -8.85
C VAL A 33 -5.18 6.54 -9.20
N GLN A 34 -6.38 6.02 -8.95
CA GLN A 34 -7.62 6.75 -9.21
C GLN A 34 -8.25 6.97 -7.85
N GLY A 35 -8.69 8.18 -7.55
CA GLY A 35 -9.28 8.40 -6.24
C GLY A 35 -10.48 9.32 -6.19
N HIS A 36 -11.17 9.26 -5.05
CA HIS A 36 -12.33 10.09 -4.80
C HIS A 36 -12.11 10.64 -3.39
N GLY A 37 -12.48 11.89 -3.16
CA GLY A 37 -12.29 12.46 -1.84
C GLY A 37 -13.58 12.47 -1.03
N GLY A 38 -13.49 12.88 0.22
CA GLY A 38 -14.67 12.95 1.06
C GLY A 38 -15.61 14.01 0.52
N GLU A 39 -15.10 14.83 -0.38
CA GLU A 39 -15.87 15.90 -1.00
C GLU A 39 -15.52 15.98 -2.49
N THR A 40 -16.51 16.28 -3.31
CA THR A 40 -16.30 16.39 -4.76
C THR A 40 -15.83 17.79 -5.13
N GLU A 54 -17.24 9.41 -9.63
CA GLU A 54 -16.34 10.22 -10.45
C GLU A 54 -14.96 10.28 -9.80
N LEU A 55 -14.03 9.48 -10.31
CA LEU A 55 -12.68 9.45 -9.77
C LEU A 55 -11.71 10.32 -10.53
N HIS A 56 -10.64 10.71 -9.85
CA HIS A 56 -9.61 11.56 -10.43
C HIS A 56 -8.24 10.91 -10.28
N GLU A 57 -7.38 11.10 -11.25
CA GLU A 57 -6.05 10.50 -11.18
C GLU A 57 -5.16 11.22 -10.16
N LYS A 58 -4.40 10.43 -9.42
CA LYS A 58 -3.50 10.96 -8.41
C LYS A 58 -2.21 10.15 -8.46
N VAL A 59 -1.18 10.63 -7.76
CA VAL A 59 0.08 9.91 -7.69
C VAL A 59 0.23 9.51 -6.25
N ARG A 60 0.48 8.23 -6.02
CA ARG A 60 0.64 7.71 -4.68
C ARG A 60 2.11 7.46 -4.40
N LEU A 61 2.64 8.16 -3.41
CA LEU A 61 4.03 7.99 -3.02
C LEU A 61 4.10 7.12 -1.77
N GLU A 62 5.08 6.22 -1.76
CA GLU A 62 5.28 5.33 -0.63
C GLU A 62 6.73 5.53 -0.19
N ILE A 63 6.91 6.08 1.01
CA ILE A 63 8.25 6.40 1.50
C ILE A 63 8.59 5.80 2.87
N GLY A 64 9.54 4.87 2.88
CA GLY A 64 9.98 4.27 4.12
C GLY A 64 11.04 5.16 4.73
N VAL A 65 10.86 5.56 5.99
CA VAL A 65 11.81 6.45 6.64
C VAL A 65 12.09 6.07 8.08
N SER A 66 13.23 6.53 8.59
CA SER A 66 13.60 6.26 9.97
C SER A 66 12.82 7.30 10.77
N GLU A 67 12.66 7.08 12.07
CA GLU A 67 11.92 8.01 12.91
C GLU A 67 12.33 9.47 12.74
N PRO A 68 13.64 9.76 12.80
CA PRO A 68 14.09 11.14 12.65
C PRO A 68 13.67 11.82 11.35
N PHE A 69 13.33 11.05 10.33
CA PHE A 69 12.94 11.62 9.05
C PHE A 69 11.44 11.75 8.80
N VAL A 70 10.63 11.34 9.77
CA VAL A 70 9.18 11.43 9.60
C VAL A 70 8.73 12.88 9.45
N LYS A 71 9.01 13.71 10.45
CA LYS A 71 8.60 15.10 10.42
C LYS A 71 9.05 15.84 9.16
N PRO A 72 10.35 15.76 8.83
CA PRO A 72 10.88 16.43 7.64
C PRO A 72 10.18 15.98 6.35
N THR A 73 9.94 14.68 6.23
CA THR A 73 9.28 14.14 5.05
C THR A 73 7.84 14.65 4.96
N VAL A 74 7.12 14.55 6.06
CA VAL A 74 5.73 15.02 6.08
C VAL A 74 5.70 16.52 5.78
N GLU A 75 6.57 17.26 6.42
CA GLU A 75 6.63 18.71 6.22
C GLU A 75 6.91 19.05 4.76
N ALA A 76 7.84 18.33 4.13
CA ALA A 76 8.18 18.58 2.74
C ALA A 76 6.99 18.39 1.81
N ILE A 77 6.19 17.34 2.07
CA ILE A 77 5.03 17.05 1.24
C ILE A 77 3.92 18.06 1.47
N LEU A 78 3.68 18.40 2.73
CA LEU A 78 2.64 19.37 3.09
C LEU A 78 2.89 20.73 2.43
N LYS A 79 4.15 21.08 2.21
CA LYS A 79 4.49 22.35 1.60
C LYS A 79 4.36 22.30 0.08
N ALA A 80 4.97 21.30 -0.53
CA ALA A 80 4.97 21.16 -1.98
C ALA A 80 3.68 20.74 -2.68
N ALA A 81 2.89 19.88 -2.04
CA ALA A 81 1.66 19.39 -2.65
C ALA A 81 0.40 20.24 -2.44
N ARG A 82 0.48 21.26 -1.59
CA ARG A 82 -0.70 22.09 -1.32
C ARG A 82 -1.05 23.10 -2.42
N THR A 83 -2.36 23.30 -2.60
CA THR A 83 -2.87 24.26 -3.57
C THR A 83 -4.04 25.00 -2.92
N GLY A 84 -4.55 24.43 -1.84
CA GLY A 84 -5.66 25.04 -1.12
C GLY A 84 -7.03 24.66 -1.69
N GLU A 85 -7.04 23.82 -2.71
CA GLU A 85 -8.29 23.41 -3.33
C GLU A 85 -8.61 21.95 -3.02
N VAL A 86 -9.89 21.58 -3.10
CA VAL A 86 -10.29 20.21 -2.86
C VAL A 86 -9.54 19.36 -3.88
N GLY A 87 -9.03 18.22 -3.44
CA GLY A 87 -8.29 17.35 -4.34
C GLY A 87 -6.81 17.27 -4.00
N ASP A 88 -6.37 18.10 -3.05
CA ASP A 88 -4.97 18.13 -2.65
C ASP A 88 -4.43 16.78 -2.13
N GLY A 89 -5.28 15.99 -1.49
CA GLY A 89 -4.82 14.69 -1.02
C GLY A 89 -4.54 14.55 0.47
N LYS A 90 -3.96 13.42 0.84
CA LYS A 90 -3.66 13.14 2.23
C LYS A 90 -2.34 12.41 2.41
N ILE A 91 -1.88 12.40 3.66
CA ILE A 91 -0.64 11.72 4.02
C ILE A 91 -0.95 10.76 5.17
N PHE A 92 -0.64 9.49 4.96
CA PHE A 92 -0.85 8.48 5.99
C PHE A 92 0.53 8.04 6.48
N VAL A 93 0.74 8.10 7.78
CA VAL A 93 2.01 7.66 8.37
C VAL A 93 1.74 6.31 9.00
N LEU A 94 2.29 5.27 8.39
CA LEU A 94 2.09 3.91 8.85
C LEU A 94 3.24 3.32 9.65
N PRO A 95 2.90 2.59 10.74
CA PRO A 95 3.94 1.97 11.57
C PRO A 95 4.56 0.81 10.81
N VAL A 96 5.88 0.64 10.97
CA VAL A 96 6.62 -0.44 10.33
C VAL A 96 7.32 -1.21 11.43
N GLU A 97 7.18 -2.53 11.41
CA GLU A 97 7.82 -3.36 12.43
C GLU A 97 9.30 -3.54 12.16
N LYS A 98 9.63 -3.74 10.89
CA LYS A 98 11.02 -3.96 10.50
C LYS A 98 11.19 -3.75 9.01
N VAL A 99 12.40 -3.40 8.60
CA VAL A 99 12.71 -3.17 7.19
C VAL A 99 13.98 -3.93 6.84
N TYR A 100 14.00 -4.55 5.67
CA TYR A 100 15.18 -5.28 5.22
C TYR A 100 15.70 -4.74 3.90
N ARG A 101 17.01 -4.57 3.81
CA ARG A 101 17.62 -4.09 2.59
C ARG A 101 18.05 -5.37 1.88
N ILE A 102 17.51 -5.59 0.68
CA ILE A 102 17.80 -6.80 -0.07
C ILE A 102 19.27 -7.03 -0.45
N ARG A 103 19.94 -5.99 -0.94
CA ARG A 103 21.34 -6.15 -1.34
C ARG A 103 22.29 -6.44 -0.19
N THR A 104 22.13 -5.72 0.91
CA THR A 104 23.01 -5.89 2.05
C THR A 104 22.50 -6.84 3.13
N GLY A 105 21.20 -7.16 3.08
CA GLY A 105 20.62 -8.05 4.08
C GLY A 105 20.49 -7.39 5.44
N GLU A 106 20.73 -6.09 5.49
CA GLU A 106 20.65 -5.33 6.73
C GLU A 106 19.18 -5.10 7.13
N GLU A 107 18.91 -5.20 8.42
CA GLU A 107 17.56 -5.01 8.94
C GLU A 107 17.48 -3.86 9.94
N ASP A 108 16.45 -3.03 9.80
CA ASP A 108 16.23 -1.88 10.67
C ASP A 108 14.90 -2.00 11.41
N GLU A 109 14.87 -1.54 12.65
CA GLU A 109 13.67 -1.56 13.47
C GLU A 109 13.54 -0.24 14.21
N ALA A 110 14.65 0.51 14.27
CA ALA A 110 14.70 1.79 14.96
C ALA A 110 13.82 2.87 14.31
N MET B 1 -7.07 6.84 13.16
CA MET B 1 -7.58 6.29 11.89
C MET B 1 -6.98 4.91 11.59
N LYS B 2 -7.62 4.17 10.69
CA LYS B 2 -7.15 2.85 10.27
C LYS B 2 -7.09 2.89 8.76
N LEU B 3 -6.29 2.03 8.16
CA LEU B 3 -6.23 2.00 6.69
C LEU B 3 -6.74 0.64 6.23
N ILE B 4 -7.83 0.65 5.48
CA ILE B 4 -8.41 -0.59 4.96
C ILE B 4 -7.85 -0.84 3.56
N VAL B 5 -7.33 -2.05 3.34
CA VAL B 5 -6.79 -2.43 2.04
C VAL B 5 -7.58 -3.67 1.62
N ALA B 6 -8.40 -3.50 0.60
CA ALA B 6 -9.22 -4.59 0.10
C ALA B 6 -8.87 -4.97 -1.33
N ILE B 7 -8.78 -6.27 -1.59
CA ILE B 7 -8.47 -6.76 -2.93
C ILE B 7 -9.72 -7.49 -3.39
N VAL B 8 -10.36 -6.97 -4.43
CA VAL B 8 -11.61 -7.54 -4.93
C VAL B 8 -11.59 -7.87 -6.42
N ARG B 9 -12.56 -8.66 -6.86
CA ARG B 9 -12.66 -9.02 -8.27
C ARG B 9 -13.04 -7.77 -9.05
N PRO B 10 -12.46 -7.60 -10.25
CA PRO B 10 -12.79 -6.41 -11.04
C PRO B 10 -14.28 -6.29 -11.34
N GLU B 11 -14.94 -7.42 -11.61
CA GLU B 11 -16.37 -7.42 -11.93
C GLU B 11 -17.27 -7.07 -10.74
N LYS B 12 -16.67 -6.94 -9.56
CA LYS B 12 -17.44 -6.60 -8.37
C LYS B 12 -17.15 -5.16 -7.91
N LEU B 13 -16.22 -4.48 -8.57
CA LEU B 13 -15.89 -3.11 -8.16
C LEU B 13 -17.07 -2.15 -8.09
N ASN B 14 -17.88 -2.10 -9.15
CA ASN B 14 -19.04 -1.22 -9.16
C ASN B 14 -19.98 -1.46 -8.00
N GLU B 15 -20.25 -2.73 -7.69
CA GLU B 15 -21.13 -3.08 -6.58
C GLU B 15 -20.51 -2.58 -5.27
N VAL B 16 -19.20 -2.78 -5.14
CA VAL B 16 -18.48 -2.34 -3.95
C VAL B 16 -18.53 -0.82 -3.80
N LEU B 17 -18.24 -0.11 -4.89
CA LEU B 17 -18.25 1.34 -4.85
C LEU B 17 -19.64 1.86 -4.48
N LYS B 18 -20.67 1.20 -4.98
CA LYS B 18 -22.04 1.60 -4.68
C LYS B 18 -22.37 1.35 -3.21
N ALA B 19 -21.94 0.22 -2.67
CA ALA B 19 -22.22 -0.09 -1.27
C ALA B 19 -21.47 0.87 -0.36
N LEU B 20 -20.24 1.24 -0.74
CA LEU B 20 -19.47 2.17 0.07
C LEU B 20 -20.18 3.51 0.11
N PHE B 21 -20.68 3.94 -1.04
CA PHE B 21 -21.41 5.21 -1.13
C PHE B 21 -22.65 5.19 -0.24
N GLN B 22 -23.40 4.09 -0.28
CA GLN B 22 -24.60 3.96 0.56
C GLN B 22 -24.23 3.93 2.04
N ALA B 23 -23.01 3.49 2.33
CA ALA B 23 -22.55 3.40 3.71
C ALA B 23 -21.88 4.70 4.14
N GLU B 24 -22.06 5.74 3.35
CA GLU B 24 -21.51 7.06 3.63
C GLU B 24 -19.99 7.15 3.56
N VAL B 25 -19.38 6.29 2.75
CA VAL B 25 -17.92 6.30 2.58
C VAL B 25 -17.67 7.00 1.25
N ARG B 26 -16.85 8.05 1.27
CA ARG B 26 -16.55 8.81 0.07
C ARG B 26 -15.07 8.80 -0.29
N GLY B 27 -14.22 9.02 0.71
CA GLY B 27 -12.79 9.04 0.47
C GLY B 27 -12.17 7.68 0.23
N LEU B 28 -11.57 7.49 -0.94
CA LEU B 28 -10.94 6.22 -1.27
C LEU B 28 -9.96 6.36 -2.42
N THR B 29 -9.04 5.40 -2.52
CA THR B 29 -8.05 5.39 -3.58
C THR B 29 -8.04 3.99 -4.15
N LEU B 30 -7.95 3.85 -5.47
CA LEU B 30 -7.93 2.51 -6.01
C LEU B 30 -6.97 2.37 -7.16
N SER B 31 -6.59 1.12 -7.44
CA SER B 31 -5.67 0.84 -8.51
C SER B 31 -5.85 -0.60 -8.97
N ARG B 32 -5.33 -0.88 -10.16
CA ARG B 32 -5.39 -2.22 -10.73
C ARG B 32 -4.15 -2.97 -10.29
N VAL B 33 -4.31 -4.26 -9.98
CA VAL B 33 -3.19 -5.09 -9.55
C VAL B 33 -3.38 -6.51 -10.06
N GLN B 34 -2.36 -7.34 -9.88
CA GLN B 34 -2.41 -8.74 -10.28
C GLN B 34 -2.26 -9.55 -9.00
N GLY B 35 -2.92 -10.70 -8.92
CA GLY B 35 -2.79 -11.47 -7.69
C GLY B 35 -2.77 -12.98 -7.85
N HIS B 36 -2.33 -13.64 -6.79
CA HIS B 36 -2.28 -15.09 -6.75
C HIS B 36 -2.98 -15.51 -5.46
N GLY B 37 -3.69 -16.63 -5.51
CA GLY B 37 -4.40 -17.11 -4.34
C GLY B 37 -3.97 -18.50 -3.95
N MET B 53 1.70 -19.53 -10.07
CA MET B 53 2.05 -19.63 -11.48
C MET B 53 1.22 -18.65 -12.31
N GLU B 54 -0.10 -18.74 -12.17
CA GLU B 54 -1.01 -17.87 -12.89
C GLU B 54 -1.49 -16.70 -12.03
N LEU B 55 -1.33 -15.50 -12.55
CA LEU B 55 -1.75 -14.29 -11.85
C LEU B 55 -3.11 -13.85 -12.40
N HIS B 56 -3.98 -13.35 -11.52
CA HIS B 56 -5.30 -12.90 -11.94
C HIS B 56 -5.52 -11.42 -11.67
N GLU B 57 -6.21 -10.74 -12.59
CA GLU B 57 -6.48 -9.32 -12.42
C GLU B 57 -7.39 -9.07 -11.21
N LYS B 58 -7.07 -8.05 -10.44
CA LYS B 58 -7.86 -7.68 -9.28
C LYS B 58 -7.86 -6.16 -9.14
N VAL B 59 -8.67 -5.64 -8.23
CA VAL B 59 -8.69 -4.20 -7.99
C VAL B 59 -8.44 -4.01 -6.50
N ARG B 60 -7.53 -3.09 -6.19
CA ARG B 60 -7.15 -2.81 -4.81
C ARG B 60 -7.72 -1.48 -4.37
N LEU B 61 -8.48 -1.50 -3.28
CA LEU B 61 -9.05 -0.28 -2.73
C LEU B 61 -8.30 0.02 -1.43
N GLU B 62 -7.97 1.29 -1.23
CA GLU B 62 -7.24 1.71 -0.04
C GLU B 62 -8.11 2.81 0.57
N ILE B 63 -8.60 2.58 1.77
CA ILE B 63 -9.50 3.53 2.41
C ILE B 63 -9.13 3.90 3.84
N GLY B 64 -8.88 5.18 4.07
CA GLY B 64 -8.57 5.65 5.40
C GLY B 64 -9.92 5.92 6.06
N VAL B 65 -10.15 5.31 7.22
CA VAL B 65 -11.42 5.49 7.92
C VAL B 65 -11.17 5.57 9.42
N SER B 66 -11.89 6.47 10.10
CA SER B 66 -11.76 6.64 11.54
C SER B 66 -12.40 5.50 12.30
N GLU B 67 -11.71 5.05 13.35
CA GLU B 67 -12.12 3.93 14.20
C GLU B 67 -13.59 3.61 14.31
N PRO B 68 -14.41 4.57 14.76
CA PRO B 68 -15.84 4.31 14.89
C PRO B 68 -16.51 3.67 13.66
N PHE B 69 -15.98 3.99 12.48
CA PHE B 69 -16.61 3.49 11.26
C PHE B 69 -15.87 2.45 10.45
N VAL B 70 -14.83 1.87 11.02
CA VAL B 70 -14.08 0.82 10.31
C VAL B 70 -14.98 -0.39 10.09
N LYS B 71 -15.63 -0.87 11.15
CA LYS B 71 -16.49 -2.04 11.02
C LYS B 71 -17.55 -1.93 9.93
N PRO B 72 -18.35 -0.85 9.94
CA PRO B 72 -19.39 -0.70 8.90
C PRO B 72 -18.82 -0.65 7.49
N THR B 73 -17.66 -0.03 7.34
CA THR B 73 -17.02 0.07 6.04
C THR B 73 -16.57 -1.31 5.56
N VAL B 74 -15.93 -2.06 6.46
CA VAL B 74 -15.48 -3.39 6.12
C VAL B 74 -16.69 -4.24 5.76
N GLU B 75 -17.74 -4.14 6.55
CA GLU B 75 -18.95 -4.92 6.28
C GLU B 75 -19.54 -4.61 4.91
N ALA B 76 -19.52 -3.34 4.52
CA ALA B 76 -20.06 -2.95 3.22
C ALA B 76 -19.29 -3.61 2.10
N ILE B 77 -17.97 -3.64 2.23
CA ILE B 77 -17.12 -4.27 1.22
C ILE B 77 -17.34 -5.78 1.20
N LEU B 78 -17.36 -6.41 2.37
CA LEU B 78 -17.56 -7.86 2.44
C LEU B 78 -18.84 -8.30 1.75
N LYS B 79 -19.94 -7.60 2.01
CA LYS B 79 -21.21 -7.98 1.40
C LYS B 79 -21.23 -7.77 -0.10
N ALA B 80 -20.69 -6.65 -0.55
CA ALA B 80 -20.67 -6.30 -1.98
C ALA B 80 -19.67 -7.05 -2.84
N ALA B 81 -18.53 -7.43 -2.27
CA ALA B 81 -17.50 -8.12 -3.04
C ALA B 81 -17.59 -9.64 -3.09
N ARG B 82 -18.47 -10.23 -2.28
CA ARG B 82 -18.56 -11.69 -2.23
C ARG B 82 -19.30 -12.36 -3.39
N THR B 83 -18.78 -13.53 -3.80
CA THR B 83 -19.43 -14.32 -4.84
C THR B 83 -19.62 -15.72 -4.26
N GLY B 84 -18.81 -16.04 -3.24
CA GLY B 84 -18.86 -17.35 -2.61
C GLY B 84 -17.85 -18.30 -3.22
N GLU B 85 -17.19 -17.87 -4.27
CA GLU B 85 -16.21 -18.72 -4.94
C GLU B 85 -14.79 -18.32 -4.56
N VAL B 86 -13.87 -19.28 -4.64
CA VAL B 86 -12.47 -18.99 -4.32
C VAL B 86 -12.01 -17.91 -5.29
N GLY B 87 -11.32 -16.90 -4.77
CA GLY B 87 -10.85 -15.81 -5.62
C GLY B 87 -11.46 -14.48 -5.21
N ASP B 88 -12.37 -14.50 -4.24
CA ASP B 88 -13.04 -13.29 -3.77
C ASP B 88 -12.11 -12.22 -3.18
N GLY B 89 -10.97 -12.65 -2.65
CA GLY B 89 -10.04 -11.67 -2.10
C GLY B 89 -10.04 -11.53 -0.58
N LYS B 90 -9.34 -10.51 -0.10
CA LYS B 90 -9.24 -10.27 1.32
C LYS B 90 -9.29 -8.79 1.67
N ILE B 91 -9.52 -8.52 2.95
CA ILE B 91 -9.55 -7.15 3.45
C ILE B 91 -8.59 -7.06 4.63
N PHE B 92 -7.60 -6.18 4.54
CA PHE B 92 -6.65 -5.99 5.62
C PHE B 92 -6.93 -4.66 6.30
N VAL B 93 -6.87 -4.63 7.63
CA VAL B 93 -7.10 -3.39 8.36
C VAL B 93 -5.78 -3.10 9.05
N LEU B 94 -5.12 -2.03 8.62
CA LEU B 94 -3.83 -1.64 9.17
C LEU B 94 -3.92 -0.42 10.07
N PRO B 95 -3.09 -0.37 11.12
CA PRO B 95 -3.14 0.79 12.00
C PRO B 95 -2.45 1.98 11.30
N VAL B 96 -2.84 3.18 11.67
CA VAL B 96 -2.25 4.40 11.10
C VAL B 96 -1.77 5.26 12.27
N GLU B 97 -0.50 5.64 12.25
CA GLU B 97 0.07 6.45 13.32
C GLU B 97 -0.47 7.87 13.27
N LYS B 98 -0.40 8.49 12.10
CA LYS B 98 -0.88 9.85 11.91
C LYS B 98 -1.44 10.06 10.51
N VAL B 99 -2.38 10.98 10.37
CA VAL B 99 -2.96 11.30 9.07
C VAL B 99 -2.99 12.82 8.92
N TYR B 100 -2.63 13.30 7.74
CA TYR B 100 -2.63 14.74 7.47
C TYR B 100 -3.43 15.08 6.22
N ARG B 101 -4.15 16.19 6.29
CA ARG B 101 -4.94 16.69 5.18
C ARG B 101 -4.01 17.69 4.48
N ILE B 102 -3.62 17.39 3.24
CA ILE B 102 -2.70 18.26 2.53
C ILE B 102 -3.24 19.66 2.23
N ARG B 103 -4.55 19.77 2.01
CA ARG B 103 -5.16 21.04 1.69
C ARG B 103 -4.96 22.11 2.78
N THR B 104 -5.04 21.68 4.03
CA THR B 104 -4.92 22.59 5.16
C THR B 104 -3.69 22.34 6.03
N GLY B 105 -3.09 21.16 5.88
CA GLY B 105 -1.92 20.80 6.65
C GLY B 105 -2.24 20.17 8.00
N GLU B 106 -3.52 20.17 8.37
CA GLU B 106 -3.96 19.64 9.66
C GLU B 106 -3.72 18.15 9.91
N GLU B 107 -3.34 17.86 11.15
CA GLU B 107 -3.09 16.49 11.62
C GLU B 107 -4.43 15.83 11.92
N ASP B 108 -4.69 14.71 11.27
CA ASP B 108 -5.92 13.95 11.44
C ASP B 108 -7.13 14.73 10.95
N MET C 1 -0.93 -11.57 12.33
CA MET C 1 -0.83 -11.31 10.88
C MET C 1 0.05 -10.10 10.59
N LYS C 2 0.81 -10.17 9.50
CA LYS C 2 1.66 -9.07 9.09
C LYS C 2 1.47 -8.87 7.58
N LEU C 3 1.74 -7.66 7.11
CA LEU C 3 1.64 -7.37 5.68
C LEU C 3 3.04 -7.02 5.24
N ILE C 4 3.56 -7.80 4.30
CA ILE C 4 4.89 -7.57 3.79
C ILE C 4 4.81 -6.84 2.46
N VAL C 5 5.53 -5.71 2.36
CA VAL C 5 5.57 -4.95 1.12
C VAL C 5 7.01 -4.98 0.63
N ALA C 6 7.22 -5.60 -0.52
CA ALA C 6 8.56 -5.73 -1.08
C ALA C 6 8.64 -5.10 -2.46
N ILE C 7 9.77 -4.46 -2.73
CA ILE C 7 10.03 -3.81 -4.01
C ILE C 7 11.21 -4.54 -4.62
N VAL C 8 11.00 -5.15 -5.78
CA VAL C 8 12.06 -5.91 -6.44
C VAL C 8 12.23 -5.49 -7.91
N ARG C 9 13.31 -5.96 -8.53
CA ARG C 9 13.56 -5.66 -9.94
C ARG C 9 12.60 -6.46 -10.79
N PRO C 10 12.10 -5.88 -11.89
CA PRO C 10 11.17 -6.64 -12.74
C PRO C 10 11.76 -7.96 -13.23
N GLU C 11 13.04 -7.93 -13.62
CA GLU C 11 13.69 -9.12 -14.14
C GLU C 11 13.95 -10.22 -13.12
N LYS C 12 13.62 -9.95 -11.86
CA LYS C 12 13.82 -10.95 -10.82
C LYS C 12 12.47 -11.41 -10.25
N LEU C 13 11.38 -10.84 -10.78
CA LEU C 13 10.06 -11.20 -10.29
C LEU C 13 9.72 -12.68 -10.41
N ASN C 14 9.94 -13.25 -11.59
CA ASN C 14 9.64 -14.67 -11.79
C ASN C 14 10.39 -15.52 -10.78
N GLU C 15 11.65 -15.19 -10.54
CA GLU C 15 12.49 -15.91 -9.60
C GLU C 15 11.94 -15.78 -8.16
N VAL C 16 11.51 -14.57 -7.82
CA VAL C 16 10.95 -14.31 -6.49
C VAL C 16 9.63 -15.09 -6.30
N LEU C 17 8.74 -15.02 -7.28
CA LEU C 17 7.47 -15.73 -7.18
C LEU C 17 7.68 -17.23 -6.98
N LYS C 18 8.61 -17.80 -7.75
CA LYS C 18 8.91 -19.22 -7.64
C LYS C 18 9.39 -19.55 -6.23
N ALA C 19 10.30 -18.74 -5.70
CA ALA C 19 10.81 -18.98 -4.36
C ALA C 19 9.69 -18.91 -3.33
N LEU C 20 8.81 -17.93 -3.49
CA LEU C 20 7.69 -17.78 -2.57
C LEU C 20 6.77 -19.01 -2.63
N PHE C 21 6.44 -19.43 -3.84
CA PHE C 21 5.57 -20.60 -4.00
C PHE C 21 6.19 -21.83 -3.36
N GLN C 22 7.50 -21.96 -3.49
CA GLN C 22 8.22 -23.09 -2.92
C GLN C 22 8.24 -23.01 -1.39
N ALA C 23 8.14 -21.80 -0.87
CA ALA C 23 8.13 -21.59 0.58
C ALA C 23 6.71 -21.72 1.11
N GLU C 24 5.80 -22.12 0.22
CA GLU C 24 4.38 -22.30 0.55
C GLU C 24 3.61 -21.00 0.76
N VAL C 25 4.14 -19.91 0.22
CA VAL C 25 3.50 -18.61 0.34
C VAL C 25 2.86 -18.32 -1.02
N ARG C 26 1.56 -18.57 -1.14
CA ARG C 26 0.87 -18.36 -2.42
C ARG C 26 -0.08 -17.16 -2.51
N GLY C 27 -0.57 -16.67 -1.39
CA GLY C 27 -1.45 -15.52 -1.44
C GLY C 27 -0.64 -14.24 -1.53
N LEU C 28 -0.79 -13.50 -2.62
CA LEU C 28 -0.04 -12.26 -2.79
C LEU C 28 -0.63 -11.37 -3.87
N THR C 29 -0.31 -10.08 -3.81
CA THR C 29 -0.80 -9.12 -4.77
C THR C 29 0.39 -8.31 -5.28
N LEU C 30 0.41 -8.02 -6.58
CA LEU C 30 1.54 -7.26 -7.10
C LEU C 30 1.12 -6.20 -8.09
N SER C 31 1.98 -5.20 -8.25
CA SER C 31 1.70 -4.13 -9.19
C SER C 31 3.01 -3.53 -9.68
N ARG C 32 2.93 -2.82 -10.79
CA ARG C 32 4.08 -2.18 -11.39
C ARG C 32 4.21 -0.77 -10.81
N VAL C 33 5.42 -0.44 -10.39
CA VAL C 33 5.67 0.87 -9.82
C VAL C 33 6.98 1.46 -10.36
N GLN C 34 7.27 2.68 -9.92
CA GLN C 34 8.49 3.37 -10.33
C GLN C 34 9.13 3.78 -9.02
N GLY C 35 10.45 3.80 -8.96
CA GLY C 35 11.09 4.16 -7.72
C GLY C 35 12.47 4.77 -7.83
N HIS C 36 12.92 5.35 -6.73
CA HIS C 36 14.23 5.97 -6.63
C HIS C 36 14.88 5.35 -5.41
N GLY C 37 16.17 5.05 -5.48
CA GLY C 37 16.86 4.44 -4.36
C GLY C 37 17.32 5.47 -3.34
N LEU C 55 13.80 7.93 -11.95
CA LEU C 55 12.90 6.83 -11.56
C LEU C 55 13.15 5.58 -12.38
N HIS C 56 13.06 4.42 -11.72
CA HIS C 56 13.28 3.13 -12.38
C HIS C 56 12.07 2.23 -12.16
N GLU C 57 11.72 1.46 -13.18
CA GLU C 57 10.59 0.55 -13.07
C GLU C 57 10.90 -0.57 -12.08
N LYS C 58 9.94 -0.90 -11.21
CA LYS C 58 10.11 -1.96 -10.22
C LYS C 58 8.78 -2.67 -10.06
N VAL C 59 8.79 -3.75 -9.28
CA VAL C 59 7.56 -4.50 -9.00
C VAL C 59 7.36 -4.50 -7.49
N ARG C 60 6.14 -4.20 -7.07
CA ARG C 60 5.79 -4.16 -5.67
C ARG C 60 4.90 -5.35 -5.31
N LEU C 61 5.35 -6.14 -4.34
CA LEU C 61 4.59 -7.30 -3.87
C LEU C 61 3.99 -6.94 -2.52
N GLU C 62 2.74 -7.32 -2.31
CA GLU C 62 2.02 -7.05 -1.07
C GLU C 62 1.58 -8.43 -0.62
N ILE C 63 2.13 -8.90 0.50
CA ILE C 63 1.85 -10.24 0.99
C ILE C 63 1.40 -10.32 2.44
N GLY C 64 0.16 -10.75 2.66
CA GLY C 64 -0.35 -10.88 4.01
C GLY C 64 -0.03 -12.28 4.49
N VAL C 65 0.67 -12.41 5.60
CA VAL C 65 1.04 -13.73 6.12
C VAL C 65 0.84 -13.88 7.63
N SER C 66 0.67 -15.11 8.08
CA SER C 66 0.52 -15.38 9.50
C SER C 66 1.91 -15.22 10.11
N GLU C 67 1.97 -15.06 11.43
CA GLU C 67 3.25 -14.86 12.11
C GLU C 67 4.38 -15.82 11.75
N PRO C 68 4.09 -17.13 11.69
CA PRO C 68 5.13 -18.11 11.35
C PRO C 68 5.68 -17.98 9.93
N PHE C 69 4.94 -17.33 9.05
CA PHE C 69 5.38 -17.19 7.67
C PHE C 69 6.14 -15.90 7.35
N VAL C 70 6.29 -15.01 8.32
CA VAL C 70 7.01 -13.77 8.06
C VAL C 70 8.46 -14.02 7.62
N LYS C 71 9.23 -14.73 8.45
CA LYS C 71 10.63 -14.99 8.09
C LYS C 71 10.76 -15.76 6.78
N PRO C 72 10.00 -16.88 6.63
CA PRO C 72 10.09 -17.65 5.40
C PRO C 72 9.85 -16.77 4.17
N THR C 73 8.91 -15.84 4.29
CA THR C 73 8.58 -14.92 3.19
C THR C 73 9.71 -13.93 2.95
N VAL C 74 10.21 -13.34 4.03
CA VAL C 74 11.29 -12.38 3.93
C VAL C 74 12.52 -13.03 3.32
N GLU C 75 12.87 -14.22 3.79
CA GLU C 75 14.04 -14.94 3.29
C GLU C 75 13.91 -15.35 1.82
N ALA C 76 12.72 -15.78 1.42
CA ALA C 76 12.49 -16.17 0.04
C ALA C 76 12.83 -15.01 -0.89
N ILE C 77 12.37 -13.82 -0.50
CA ILE C 77 12.59 -12.61 -1.30
C ILE C 77 14.04 -12.12 -1.22
N LEU C 78 14.62 -12.09 -0.03
CA LEU C 78 16.00 -11.65 0.10
C LEU C 78 16.92 -12.45 -0.80
N LYS C 79 16.76 -13.77 -0.77
CA LYS C 79 17.62 -14.65 -1.56
C LYS C 79 17.38 -14.60 -3.06
N ALA C 80 16.12 -14.61 -3.46
CA ALA C 80 15.77 -14.59 -4.88
C ALA C 80 15.89 -13.25 -5.60
N ALA C 81 15.71 -12.15 -4.88
CA ALA C 81 15.76 -10.84 -5.51
C ALA C 81 17.12 -10.13 -5.55
N ARG C 82 18.09 -10.64 -4.80
CA ARG C 82 19.39 -10.01 -4.76
C ARG C 82 20.23 -10.22 -6.02
N THR C 83 20.89 -9.15 -6.47
CA THR C 83 21.78 -9.20 -7.63
C THR C 83 23.14 -8.70 -7.16
N GLY C 84 23.14 -7.91 -6.09
CA GLY C 84 24.38 -7.36 -5.55
C GLY C 84 24.68 -5.97 -6.06
N GLU C 85 23.83 -5.47 -6.95
CA GLU C 85 24.01 -4.13 -7.52
C GLU C 85 22.99 -3.19 -6.92
N VAL C 86 23.29 -1.90 -6.90
CA VAL C 86 22.38 -0.90 -6.35
C VAL C 86 21.04 -0.98 -7.08
N GLY C 87 19.95 -0.99 -6.31
CA GLY C 87 18.63 -1.05 -6.90
C GLY C 87 17.87 -2.34 -6.62
N ASP C 88 18.45 -3.23 -5.82
CA ASP C 88 17.81 -4.51 -5.51
C ASP C 88 16.46 -4.41 -4.80
N GLY C 89 16.28 -3.37 -3.99
CA GLY C 89 15.02 -3.21 -3.30
C GLY C 89 15.02 -3.32 -1.79
N LYS C 90 13.84 -3.22 -1.22
CA LYS C 90 13.67 -3.32 0.22
C LYS C 90 12.40 -4.08 0.57
N ILE C 91 12.34 -4.56 1.80
CA ILE C 91 11.18 -5.31 2.29
C ILE C 91 10.67 -4.70 3.58
N PHE C 92 9.42 -4.24 3.56
CA PHE C 92 8.81 -3.66 4.76
C PHE C 92 7.85 -4.65 5.40
N VAL C 93 7.90 -4.76 6.71
CA VAL C 93 7.00 -5.65 7.44
C VAL C 93 6.09 -4.77 8.29
N LEU C 94 4.81 -4.76 7.95
CA LEU C 94 3.84 -3.93 8.64
C LEU C 94 2.87 -4.69 9.52
N PRO C 95 2.49 -4.12 10.66
CA PRO C 95 1.54 -4.79 11.54
C PRO C 95 0.15 -4.71 10.90
N VAL C 96 -0.67 -5.72 11.14
CA VAL C 96 -2.03 -5.77 10.61
C VAL C 96 -2.95 -6.05 11.78
N GLU C 97 -3.99 -5.24 11.97
CA GLU C 97 -4.89 -5.45 13.09
C GLU C 97 -5.89 -6.57 12.83
N LYS C 98 -6.46 -6.59 11.63
CA LYS C 98 -7.44 -7.61 11.28
C LYS C 98 -7.39 -7.97 9.82
N VAL C 99 -7.82 -9.18 9.51
CA VAL C 99 -7.87 -9.65 8.13
C VAL C 99 -9.19 -10.39 7.96
N TYR C 100 -9.86 -10.16 6.83
CA TYR C 100 -11.12 -10.83 6.57
C TYR C 100 -11.06 -11.55 5.23
N ARG C 101 -11.70 -12.71 5.18
CA ARG C 101 -11.76 -13.51 3.95
C ARG C 101 -13.09 -13.12 3.31
N ILE C 102 -13.03 -12.48 2.15
CA ILE C 102 -14.26 -12.05 1.50
C ILE C 102 -15.20 -13.21 1.14
N ARG C 103 -14.65 -14.34 0.70
CA ARG C 103 -15.48 -15.47 0.30
C ARG C 103 -16.46 -15.93 1.38
N THR C 104 -16.01 -15.94 2.63
CA THR C 104 -16.83 -16.40 3.73
C THR C 104 -17.37 -15.25 4.59
N GLY C 105 -16.81 -14.06 4.40
CA GLY C 105 -17.21 -12.91 5.17
C GLY C 105 -16.77 -13.02 6.62
N GLU C 106 -15.86 -13.96 6.87
CA GLU C 106 -15.35 -14.21 8.22
C GLU C 106 -13.99 -13.58 8.48
N GLU C 107 -13.79 -13.15 9.73
CA GLU C 107 -12.55 -12.52 10.15
C GLU C 107 -11.41 -13.54 10.28
N ASP C 108 -10.41 -13.18 11.09
CA ASP C 108 -9.25 -14.02 11.34
C ASP C 108 -8.88 -13.98 12.82
PG ATP D . -9.84 17.95 1.05
O1G ATP D . -10.67 18.83 1.92
O2G ATP D . -8.95 16.89 1.89
O3G ATP D . -8.91 18.69 -0.03
PB ATP D . -11.21 15.54 0.66
O1B ATP D . -10.99 15.30 2.10
O2B ATP D . -12.12 14.78 -0.21
O3B ATP D . -10.79 17.02 0.16
PA ATP D . -9.22 15.36 -1.29
O1A ATP D . -7.91 16.05 -1.27
O2A ATP D . -10.25 15.51 -2.33
O3A ATP D . -9.83 14.90 0.12
O5' ATP D . -8.71 13.90 -1.71
C5' ATP D . -7.88 13.73 -2.86
C4' ATP D . -7.46 12.26 -3.04
O4' ATP D . -6.88 11.73 -1.83
C3' ATP D . -8.67 11.36 -3.33
O3' ATP D . -8.93 11.40 -4.73
C2' ATP D . -8.05 10.00 -2.97
O2' ATP D . -7.16 9.56 -4.00
C1' ATP D . -7.26 10.35 -1.71
N9 ATP D . -8.09 10.20 -0.49
C8 ATP D . -8.72 11.19 0.15
N7 ATP D . -9.28 10.71 1.27
C5 ATP D . -8.99 9.41 1.34
C6 ATP D . -9.27 8.40 2.25
N6 ATP D . -9.94 8.66 3.37
N1 ATP D . -8.82 7.15 2.00
C2 ATP D . -8.12 6.88 0.91
N3 ATP D . -7.83 7.82 0.03
C4 ATP D . -8.25 9.08 0.21
PG ATP E . -10.29 -17.70 -0.58
O1G ATP E . -10.76 -18.91 0.11
O2G ATP E . -9.64 -16.61 0.41
O3G ATP E . -11.35 -16.97 -1.55
PB ATP E . -7.55 -17.71 -1.20
O1B ATP E . -7.31 -17.50 0.24
O2B ATP E . -6.51 -18.07 -2.19
O3B ATP E . -9.08 -18.06 -1.58
PA ATP E . -8.41 -15.77 -3.03
O1A ATP E . -9.74 -15.14 -2.95
O2A ATP E . -7.87 -16.53 -4.18
O3A ATP E . -7.70 -16.16 -1.62
O5' ATP E . -7.54 -14.43 -3.24
C5' ATP E . -7.88 -13.52 -4.29
C4' ATP E . -6.88 -12.37 -4.40
O4' ATP E . -6.73 -11.69 -3.14
C3' ATP E . -5.48 -12.86 -4.75
O3' ATP E . -5.39 -13.01 -6.17
C2' ATP E . -4.67 -11.64 -4.31
O2' ATP E . -4.81 -10.57 -5.24
C1' ATP E . -5.36 -11.30 -2.99
N9 ATP E . -4.79 -12.06 -1.86
C8 ATP E . -5.26 -13.20 -1.36
N7 ATP E . -4.53 -13.55 -0.30
C5 ATP E . -3.59 -12.63 -0.13
C6 ATP E . -2.55 -12.44 0.78
N6 ATP E . -2.37 -13.30 1.78
N1 ATP E . -1.77 -11.36 0.67
C2 ATP E . -1.95 -10.47 -0.30
N3 ATP E . -2.92 -10.63 -1.18
C4 ATP E . -3.75 -11.68 -1.13
PG ATP F . 19.88 1.81 -0.43
O1G ATP F . 21.23 2.42 -0.37
O2G ATP F . 18.72 2.89 -0.73
O3G ATP F . 19.47 0.90 0.82
PB ATP F . 19.85 1.37 -3.19
O1B ATP F . 20.07 2.84 -3.28
O2B ATP F . 20.10 0.40 -4.28
O3B ATP F . 19.79 0.81 -1.68
PA ATP F . 17.38 0.05 -3.15
O1A ATP F . 16.76 -0.21 -1.83
O2A ATP F . 17.72 -0.97 -4.16
O3A ATP F . 18.24 1.41 -3.31
O5' ATP F . 16.08 0.69 -3.86
C5' ATP F . 15.44 0.04 -4.96
C4' ATP F . 13.95 0.43 -5.00
O4' ATP F . 13.28 0.11 -3.77
C3' ATP F . 13.75 1.93 -5.19
O3' ATP F . 13.85 2.24 -6.58
C2' ATP F . 12.29 2.02 -4.75
O2' ATP F . 11.43 1.45 -5.76
C1' ATP F . 12.29 1.13 -3.51
N9 ATP F . 12.74 1.88 -2.31
C8 ATP F . 13.99 2.04 -1.90
N7 ATP F . 14.01 2.74 -0.76
C5 ATP F . 12.75 3.02 -0.44
C6 ATP F . 12.15 3.71 0.60
N6 ATP F . 12.88 4.24 1.57
N1 ATP F . 10.81 3.82 0.62
C2 ATP F . 10.06 3.30 -0.34
N3 ATP F . 10.61 2.64 -1.35
C4 ATP F . 11.94 2.48 -1.44
#